data_4Y2G
#
_entry.id   4Y2G
#
_cell.length_a   63.847
_cell.length_b   63.847
_cell.length_c   93.367
_cell.angle_alpha   90.00
_cell.angle_beta   90.00
_cell.angle_gamma   120.00
#
_symmetry.space_group_name_H-M   'P 32 2 1'
#
loop_
_entity.id
_entity.type
_entity.pdbx_description
1 polymer 'Breast cancer type 1 susceptibility protein'
2 polymer 'BRCA1-A complex subunit Abraxas'
3 water water
#
loop_
_entity_poly.entity_id
_entity_poly.type
_entity_poly.pdbx_seq_one_letter_code
_entity_poly.pdbx_strand_id
1 'polypeptide(L)'
;MSHHHHHHSMVNKRMSMVVSGLTPEEFMLVYKFARKHHITLTNLITEETTHVVMKTDAEFVCERTLKYFLGIAGGKWVVS
YFWVTQSIKERKMLNEHDFEVRGDVVNGRNHQGPKRARESQDRKIFRGLEICCYGPFTNMPTDQLEWMVQLCGASVVKEL
SSFTLGTGVHPIVVVQPDAWTEDNGFHAIGQMCEAPVVTREWVLDSVALYQCQELDTYLIPQIP
;
A
2 'polypeptide(L)' YSR(SEP)PTF B
#
# COMPACT_ATOMS: atom_id res chain seq x y z
N VAL A 11 15.63 5.20 -21.36
CA VAL A 11 16.77 5.20 -20.46
C VAL A 11 16.81 3.90 -19.68
N ASN A 12 17.77 3.78 -18.77
CA ASN A 12 17.90 2.57 -17.97
C ASN A 12 17.37 2.78 -16.55
N LYS A 13 16.33 2.01 -16.22
CA LYS A 13 15.82 1.95 -14.86
C LYS A 13 16.43 0.70 -14.27
N ARG A 14 17.01 0.85 -13.09
CA ARG A 14 17.91 -0.15 -12.57
C ARG A 14 17.30 -0.70 -11.33
N MET A 15 17.75 -1.88 -10.92
CA MET A 15 17.24 -2.49 -9.73
C MET A 15 17.48 -1.52 -8.59
N SER A 16 16.48 -1.39 -7.75
CA SER A 16 16.49 -0.50 -6.58
C SER A 16 15.56 -1.03 -5.50
N MET A 17 16.13 -1.41 -4.35
CA MET A 17 15.37 -2.06 -3.29
C MET A 17 15.10 -1.18 -2.08
N VAL A 18 14.04 -1.52 -1.36
CA VAL A 18 13.84 -1.09 0.02
C VAL A 18 13.43 -2.33 0.80
N VAL A 19 13.62 -2.31 2.12
CA VAL A 19 13.21 -3.44 2.95
C VAL A 19 12.10 -3.04 3.91
N SER A 20 11.36 -4.02 4.40
CA SER A 20 10.28 -3.75 5.34
C SER A 20 10.10 -4.91 6.31
N GLY A 21 9.85 -4.59 7.57
CA GLY A 21 9.59 -5.60 8.58
C GLY A 21 10.83 -6.37 9.00
N LEU A 22 11.99 -5.86 8.62
CA LEU A 22 13.24 -6.50 9.00
C LEU A 22 13.84 -5.84 10.24
N THR A 23 14.52 -6.64 11.06
CA THR A 23 15.28 -6.11 12.17
C THR A 23 16.45 -5.31 11.61
N PRO A 24 17.08 -4.48 12.47
CA PRO A 24 18.30 -3.77 12.04
C PRO A 24 19.38 -4.74 11.59
N GLU A 25 19.36 -5.94 12.16
CA GLU A 25 20.31 -6.99 11.80
C GLU A 25 20.07 -7.54 10.40
N GLU A 26 18.85 -8.03 10.17
CA GLU A 26 18.47 -8.59 8.87
C GLU A 26 18.76 -7.61 7.74
N PHE A 27 18.56 -6.32 8.03
CA PHE A 27 18.85 -5.27 7.06
C PHE A 27 20.33 -5.28 6.66
N MET A 28 21.18 -5.61 7.62
CA MET A 28 22.62 -5.68 7.37
C MET A 28 22.94 -6.73 6.31
N LEU A 29 22.28 -7.88 6.40
CA LEU A 29 22.45 -8.94 5.42
C LEU A 29 22.06 -8.46 4.03
N VAL A 30 20.96 -7.72 3.96
CA VAL A 30 20.52 -7.14 2.70
C VAL A 30 21.55 -6.13 2.19
N TYR A 31 22.05 -5.31 3.10
CA TYR A 31 23.06 -4.31 2.75
C TYR A 31 24.29 -4.97 2.16
N LYS A 32 24.73 -6.06 2.77
CA LYS A 32 25.84 -6.83 2.22
C LYS A 32 25.47 -7.39 0.85
N PHE A 33 24.25 -7.92 0.75
CA PHE A 33 23.75 -8.47 -0.49
C PHE A 33 23.71 -7.43 -1.58
N ALA A 34 23.12 -6.28 -1.27
CA ALA A 34 23.04 -5.18 -2.22
C ALA A 34 24.43 -4.70 -2.62
N ARG A 35 25.32 -4.64 -1.63
CA ARG A 35 26.68 -4.17 -1.84
C ARG A 35 27.46 -5.13 -2.74
N LYS A 36 27.31 -6.43 -2.49
CA LYS A 36 27.99 -7.43 -3.30
C LYS A 36 27.60 -7.34 -4.76
N HIS A 37 26.31 -7.21 -5.03
CA HIS A 37 25.80 -7.24 -6.39
C HIS A 37 25.62 -5.85 -6.97
N HIS A 38 26.01 -4.83 -6.21
CA HIS A 38 25.93 -3.46 -6.68
C HIS A 38 24.47 -3.09 -6.96
N ILE A 39 23.59 -3.51 -6.07
CA ILE A 39 22.17 -3.17 -6.16
C ILE A 39 21.87 -1.95 -5.29
N THR A 40 21.18 -0.97 -5.88
CA THR A 40 20.79 0.21 -5.14
C THR A 40 19.86 -0.16 -3.99
N LEU A 41 20.23 0.26 -2.79
CA LEU A 41 19.39 0.04 -1.61
C LEU A 41 19.11 1.39 -0.94
N THR A 42 17.85 1.62 -0.60
CA THR A 42 17.46 2.87 0.04
C THR A 42 16.55 2.60 1.24
N ASN A 43 16.44 3.59 2.12
CA ASN A 43 15.57 3.46 3.28
C ASN A 43 14.13 3.89 2.97
N LEU A 44 13.98 4.78 2.00
CA LEU A 44 12.67 5.30 1.65
C LEU A 44 12.24 4.85 0.26
N ILE A 45 11.00 4.38 0.18
CA ILE A 45 10.39 3.96 -1.06
C ILE A 45 10.06 5.13 -1.96
N THR A 46 10.24 4.93 -3.26
CA THR A 46 10.04 5.96 -4.25
C THR A 46 9.51 5.35 -5.54
N GLU A 47 9.18 6.20 -6.50
CA GLU A 47 8.69 5.75 -7.79
C GLU A 47 9.75 4.91 -8.46
N GLU A 48 10.99 5.28 -8.26
CA GLU A 48 12.13 4.57 -8.81
C GLU A 48 12.32 3.16 -8.25
N THR A 49 11.85 2.91 -7.03
CA THR A 49 12.05 1.62 -6.39
C THR A 49 11.42 0.48 -7.17
N THR A 50 12.18 -0.59 -7.36
CA THR A 50 11.69 -1.73 -8.10
C THR A 50 11.34 -2.92 -7.24
N HIS A 51 12.09 -3.11 -6.18
CA HIS A 51 11.91 -4.25 -5.29
C HIS A 51 11.60 -3.85 -3.84
N VAL A 52 10.56 -4.43 -3.28
CA VAL A 52 10.24 -4.24 -1.87
C VAL A 52 10.41 -5.57 -1.15
N VAL A 53 11.46 -5.67 -0.34
CA VAL A 53 11.80 -6.91 0.34
C VAL A 53 11.10 -7.00 1.70
N MET A 54 10.09 -7.86 1.78
CA MET A 54 9.27 -7.99 2.97
C MET A 54 9.71 -9.15 3.86
N LYS A 55 9.62 -8.94 5.17
CA LYS A 55 9.75 -10.04 6.11
C LYS A 55 8.53 -10.93 5.99
N THR A 56 8.75 -12.23 5.78
CA THR A 56 7.63 -13.17 5.63
C THR A 56 7.92 -14.49 6.35
N ASP A 57 6.91 -15.34 6.42
CA ASP A 57 7.09 -16.68 6.95
C ASP A 57 7.56 -17.61 5.84
N ALA A 58 7.46 -18.91 6.06
CA ALA A 58 7.87 -19.90 5.07
C ALA A 58 6.90 -19.93 3.89
N GLU A 59 5.68 -19.47 4.13
CA GLU A 59 4.65 -19.50 3.09
C GLU A 59 4.50 -18.13 2.42
N PHE A 60 5.49 -17.27 2.64
CA PHE A 60 5.54 -15.98 1.96
C PHE A 60 4.36 -15.07 2.30
N VAL A 61 3.86 -15.20 3.50
CA VAL A 61 2.84 -14.27 4.02
C VAL A 61 3.55 -13.26 4.90
N CYS A 62 3.08 -12.02 4.88
CA CYS A 62 3.75 -10.93 5.55
C CYS A 62 2.77 -10.01 6.24
N GLU A 63 3.29 -9.21 7.16
CA GLU A 63 2.50 -8.16 7.78
C GLU A 63 2.29 -6.98 6.84
N ARG A 64 1.25 -6.21 7.09
CA ARG A 64 0.87 -5.10 6.23
C ARG A 64 1.51 -3.79 6.70
N THR A 65 2.59 -3.38 6.03
CA THR A 65 3.25 -2.13 6.36
C THR A 65 3.02 -1.10 5.26
N LEU A 66 3.41 0.14 5.54
CA LEU A 66 3.28 1.21 4.56
C LEU A 66 4.01 0.87 3.26
N LYS A 67 5.20 0.30 3.38
CA LYS A 67 5.98 -0.09 2.21
C LYS A 67 5.31 -1.22 1.45
N TYR A 68 4.63 -2.09 2.19
CA TYR A 68 3.88 -3.18 1.57
C TYR A 68 2.77 -2.64 0.68
N PHE A 69 1.97 -1.73 1.22
CA PHE A 69 0.88 -1.11 0.46
C PHE A 69 1.41 -0.37 -0.76
N LEU A 70 2.42 0.48 -0.54
CA LEU A 70 2.99 1.27 -1.61
C LEU A 70 3.64 0.38 -2.67
N GLY A 71 4.25 -0.72 -2.23
CA GLY A 71 4.85 -1.66 -3.14
C GLY A 71 3.83 -2.21 -4.12
N ILE A 72 2.78 -2.83 -3.60
CA ILE A 72 1.71 -3.37 -4.41
C ILE A 72 1.09 -2.30 -5.32
N ALA A 73 0.80 -1.13 -4.73
CA ALA A 73 0.19 -0.03 -5.48
C ALA A 73 1.05 0.40 -6.66
N GLY A 74 2.36 0.37 -6.48
CA GLY A 74 3.27 0.75 -7.54
C GLY A 74 3.54 -0.36 -8.54
N GLY A 75 2.93 -1.52 -8.32
CA GLY A 75 3.11 -2.67 -9.18
C GLY A 75 4.55 -3.13 -9.21
N LYS A 76 5.24 -2.96 -8.09
CA LYS A 76 6.64 -3.35 -7.98
C LYS A 76 6.78 -4.81 -7.59
N TRP A 77 8.01 -5.31 -7.61
CA TRP A 77 8.29 -6.63 -7.07
C TRP A 77 8.21 -6.60 -5.55
N VAL A 78 7.15 -7.20 -5.01
CA VAL A 78 7.05 -7.35 -3.56
C VAL A 78 7.43 -8.78 -3.21
N VAL A 79 8.67 -8.97 -2.78
CA VAL A 79 9.23 -10.30 -2.60
C VAL A 79 9.68 -10.57 -1.16
N SER A 80 9.83 -11.85 -0.83
CA SER A 80 10.19 -12.25 0.52
C SER A 80 11.68 -12.06 0.79
N TYR A 81 12.01 -11.78 2.05
CA TYR A 81 13.38 -11.65 2.50
C TYR A 81 14.18 -12.91 2.21
N PHE A 82 13.47 -14.03 2.09
CA PHE A 82 14.11 -15.30 1.76
C PHE A 82 14.79 -15.24 0.40
N TRP A 83 14.30 -14.36 -0.46
CA TRP A 83 14.92 -14.14 -1.76
C TRP A 83 16.37 -13.73 -1.57
N VAL A 84 16.60 -12.85 -0.60
CA VAL A 84 17.96 -12.37 -0.32
C VAL A 84 18.82 -13.46 0.29
N THR A 85 18.35 -14.05 1.38
CA THR A 85 19.12 -15.07 2.08
C THR A 85 19.37 -16.31 1.22
N GLN A 86 18.38 -16.70 0.44
CA GLN A 86 18.53 -17.87 -0.41
C GLN A 86 19.52 -17.60 -1.54
N SER A 87 19.49 -16.38 -2.06
CA SER A 87 20.43 -15.96 -3.09
C SER A 87 21.85 -15.98 -2.54
N ILE A 88 21.97 -15.73 -1.24
CA ILE A 88 23.27 -15.76 -0.56
C ILE A 88 23.74 -17.20 -0.39
N LYS A 89 22.83 -18.06 0.05
CA LYS A 89 23.15 -19.47 0.30
C LYS A 89 23.53 -20.19 -0.98
N GLU A 90 23.11 -19.63 -2.11
CA GLU A 90 23.50 -20.15 -3.41
C GLU A 90 24.46 -19.20 -4.11
N ARG A 91 24.72 -18.07 -3.47
CA ARG A 91 25.69 -17.11 -3.97
C ARG A 91 25.37 -16.70 -5.40
N LYS A 92 24.09 -16.59 -5.70
CA LYS A 92 23.64 -16.29 -7.05
C LYS A 92 22.45 -15.36 -6.97
N MET A 93 22.12 -14.69 -8.07
CA MET A 93 20.95 -13.84 -8.09
C MET A 93 19.74 -14.64 -8.50
N LEU A 94 18.96 -15.07 -7.53
CA LEU A 94 17.73 -15.80 -7.79
C LEU A 94 16.61 -14.95 -8.38
N ASN A 95 15.71 -15.60 -9.11
CA ASN A 95 14.57 -14.94 -9.73
C ASN A 95 13.50 -14.53 -8.72
N GLU A 96 12.93 -13.35 -8.91
CA GLU A 96 11.91 -12.78 -8.02
C GLU A 96 10.62 -13.58 -7.98
N HIS A 97 10.27 -14.18 -9.10
CA HIS A 97 8.98 -14.81 -9.26
C HIS A 97 8.81 -15.89 -8.22
N ASP A 98 9.89 -16.60 -7.93
CA ASP A 98 9.86 -17.68 -6.97
C ASP A 98 9.64 -17.22 -5.55
N PHE A 99 9.87 -15.94 -5.28
CA PHE A 99 9.86 -15.44 -3.91
C PHE A 99 8.84 -14.33 -3.69
N GLU A 100 7.99 -14.09 -4.69
CA GLU A 100 6.96 -13.07 -4.56
C GLU A 100 6.01 -13.42 -3.43
N VAL A 101 5.66 -12.45 -2.61
CA VAL A 101 4.77 -12.71 -1.48
C VAL A 101 3.38 -13.03 -2.00
N ARG A 102 2.74 -14.03 -1.40
CA ARG A 102 1.47 -14.52 -1.89
C ARG A 102 0.30 -13.91 -1.13
N GLY A 103 0.56 -13.43 0.07
CA GLY A 103 -0.47 -12.79 0.88
C GLY A 103 0.05 -12.16 2.15
N ASP A 104 -0.88 -11.63 2.94
CA ASP A 104 -0.55 -11.04 4.23
C ASP A 104 -1.43 -11.65 5.33
N VAL A 105 -1.20 -11.24 6.56
CA VAL A 105 -1.91 -11.82 7.70
C VAL A 105 -3.39 -11.45 7.73
N VAL A 106 -3.73 -10.32 7.12
CA VAL A 106 -5.07 -9.75 7.26
C VAL A 106 -6.05 -10.17 6.15
N ASN A 107 -5.62 -10.07 4.89
CA ASN A 107 -6.54 -10.23 3.78
C ASN A 107 -6.53 -11.62 3.13
N GLY A 108 -5.74 -12.53 3.67
CA GLY A 108 -5.64 -13.87 3.11
C GLY A 108 -4.21 -14.25 2.83
N ARG A 109 -3.93 -15.55 2.83
CA ARG A 109 -2.55 -16.02 2.73
C ARG A 109 -2.13 -16.34 1.29
N ASN A 110 -3.05 -16.20 0.34
CA ASN A 110 -2.73 -16.45 -1.05
C ASN A 110 -3.61 -15.66 -2.03
N HIS A 111 -3.95 -14.43 -1.65
CA HIS A 111 -4.80 -13.60 -2.49
C HIS A 111 -4.07 -13.12 -3.74
N GLN A 112 -2.74 -13.25 -3.74
CA GLN A 112 -1.93 -12.93 -4.91
C GLN A 112 -2.01 -11.45 -5.30
N GLY A 113 -2.19 -10.59 -4.30
CA GLY A 113 -2.28 -9.16 -4.51
C GLY A 113 -1.13 -8.56 -5.31
N PRO A 114 0.11 -8.82 -4.86
CA PRO A 114 1.31 -8.31 -5.55
C PRO A 114 1.37 -8.71 -7.02
N LYS A 115 1.09 -9.99 -7.31
CA LYS A 115 1.11 -10.46 -8.69
C LYS A 115 0.08 -9.75 -9.55
N ARG A 116 -1.12 -9.59 -9.00
CA ARG A 116 -2.20 -8.94 -9.74
C ARG A 116 -1.89 -7.47 -9.96
N ALA A 117 -1.22 -6.85 -8.99
CA ALA A 117 -0.83 -5.45 -9.08
C ALA A 117 0.19 -5.24 -10.20
N ARG A 118 1.09 -6.20 -10.36
CA ARG A 118 2.06 -6.15 -11.45
C ARG A 118 1.39 -6.29 -12.81
N GLU A 119 0.28 -7.01 -12.84
CA GLU A 119 -0.37 -7.38 -14.10
C GLU A 119 -1.55 -6.48 -14.44
N SER A 120 -1.93 -5.60 -13.53
CA SER A 120 -3.11 -4.77 -13.73
C SER A 120 -2.77 -3.29 -13.83
N GLN A 121 -1.55 -2.99 -14.25
CA GLN A 121 -1.10 -1.59 -14.34
C GLN A 121 -1.85 -0.83 -15.43
N ASP A 122 -2.57 -1.54 -16.28
CA ASP A 122 -3.40 -0.90 -17.31
C ASP A 122 -4.85 -0.81 -16.87
N ARG A 123 -5.17 -1.53 -15.80
CA ARG A 123 -6.50 -1.50 -15.24
C ARG A 123 -6.42 -1.27 -13.75
N LYS A 124 -6.07 -0.05 -13.36
CA LYS A 124 -5.93 0.28 -11.96
C LYS A 124 -7.26 0.31 -11.27
N ILE A 125 -7.29 -0.20 -10.05
CA ILE A 125 -8.52 -0.40 -9.33
C ILE A 125 -9.29 0.87 -9.03
N PHE A 126 -8.58 1.93 -8.70
CA PHE A 126 -9.20 3.16 -8.25
C PHE A 126 -9.47 4.13 -9.38
N ARG A 127 -9.24 3.66 -10.60
CA ARG A 127 -9.40 4.50 -11.76
C ARG A 127 -10.83 4.98 -11.85
N GLY A 128 -10.98 6.26 -12.19
CA GLY A 128 -12.28 6.89 -12.28
C GLY A 128 -12.84 7.31 -10.95
N LEU A 129 -12.02 7.34 -9.92
CA LEU A 129 -12.52 7.75 -8.62
C LEU A 129 -11.75 8.94 -8.10
N GLU A 130 -12.44 9.79 -7.35
CA GLU A 130 -11.82 10.91 -6.69
C GLU A 130 -11.94 10.69 -5.21
N ILE A 131 -10.82 10.73 -4.52
CA ILE A 131 -10.79 10.41 -3.10
C ILE A 131 -10.24 11.56 -2.28
N CYS A 132 -10.94 11.87 -1.21
CA CYS A 132 -10.43 12.84 -0.24
C CYS A 132 -10.10 12.15 1.06
N CYS A 133 -8.84 12.25 1.48
CA CYS A 133 -8.41 11.68 2.74
C CYS A 133 -8.66 12.67 3.86
N TYR A 134 -9.81 12.53 4.51
CA TYR A 134 -10.26 13.48 5.53
C TYR A 134 -9.64 13.19 6.88
N GLY A 135 -8.61 13.96 7.24
CA GLY A 135 -7.88 13.78 8.48
C GLY A 135 -8.75 13.92 9.72
N PRO A 136 -8.19 13.59 10.90
CA PRO A 136 -6.79 13.19 11.01
C PRO A 136 -6.56 11.69 10.87
N PHE A 137 -5.31 11.30 10.66
CA PHE A 137 -4.94 9.89 10.58
C PHE A 137 -3.80 9.59 11.54
N THR A 138 -3.40 8.33 11.63
CA THR A 138 -2.29 7.93 12.48
C THR A 138 -1.42 6.86 11.80
N ASN A 139 -0.13 6.86 12.14
CA ASN A 139 0.79 5.84 11.67
C ASN A 139 1.04 5.86 10.16
N MET A 140 0.35 6.75 9.46
CA MET A 140 0.50 6.84 8.02
C MET A 140 0.19 8.25 7.54
N PRO A 141 1.24 9.02 7.21
CA PRO A 141 1.11 10.40 6.72
C PRO A 141 0.05 10.51 5.64
N THR A 142 -0.77 11.55 5.71
CA THR A 142 -1.90 11.71 4.81
C THR A 142 -1.45 11.72 3.34
N ASP A 143 -0.30 12.35 3.08
CA ASP A 143 0.19 12.46 1.71
C ASP A 143 0.70 11.12 1.19
N GLN A 144 1.05 10.23 2.11
CA GLN A 144 1.46 8.89 1.72
C GLN A 144 0.23 8.07 1.32
N LEU A 145 -0.83 8.21 2.09
CA LEU A 145 -2.10 7.59 1.76
C LEU A 145 -2.60 8.10 0.43
N GLU A 146 -2.52 9.43 0.25
CA GLU A 146 -2.92 10.07 -1.00
C GLU A 146 -2.09 9.56 -2.18
N TRP A 147 -0.80 9.34 -1.93
CA TRP A 147 0.09 8.81 -2.96
C TRP A 147 -0.32 7.38 -3.32
N MET A 148 -0.74 6.63 -2.31
CA MET A 148 -1.16 5.25 -2.49
C MET A 148 -2.34 5.14 -3.44
N VAL A 149 -3.39 5.91 -3.20
CA VAL A 149 -4.53 5.90 -4.09
C VAL A 149 -4.16 6.42 -5.47
N GLN A 150 -3.31 7.43 -5.51
CA GLN A 150 -2.92 8.05 -6.77
C GLN A 150 -2.24 7.02 -7.64
N LEU A 151 -1.43 6.17 -7.03
CA LEU A 151 -0.76 5.10 -7.72
C LEU A 151 -1.73 4.11 -8.29
N CYS A 152 -2.91 4.04 -7.69
CA CYS A 152 -3.93 3.07 -8.08
C CYS A 152 -4.98 3.67 -9.02
N GLY A 153 -4.67 4.82 -9.60
CA GLY A 153 -5.52 5.43 -10.61
C GLY A 153 -6.54 6.42 -10.07
N ALA A 154 -6.64 6.51 -8.75
CA ALA A 154 -7.58 7.43 -8.13
C ALA A 154 -7.08 8.87 -8.24
N SER A 155 -8.00 9.82 -8.28
CA SER A 155 -7.63 11.22 -8.27
C SER A 155 -7.75 11.80 -6.87
N VAL A 156 -6.69 12.44 -6.39
CA VAL A 156 -6.65 12.93 -5.02
C VAL A 156 -7.29 14.31 -4.87
N VAL A 157 -8.11 14.45 -3.83
CA VAL A 157 -8.74 15.73 -3.53
C VAL A 157 -8.47 16.23 -2.12
N LYS A 158 -7.91 17.44 -2.00
CA LYS A 158 -7.63 18.06 -0.69
C LYS A 158 -8.78 18.54 0.20
N GLU A 159 -9.74 19.25 -0.38
CA GLU A 159 -10.87 19.75 0.39
C GLU A 159 -12.18 19.08 -0.06
N LEU A 160 -13.10 18.89 0.87
CA LEU A 160 -14.39 18.29 0.55
C LEU A 160 -15.13 19.09 -0.51
N SER A 161 -14.83 20.39 -0.58
CA SER A 161 -15.46 21.27 -1.56
C SER A 161 -14.72 21.24 -2.89
N SER A 162 -13.62 20.49 -2.94
CA SER A 162 -12.82 20.39 -4.15
C SER A 162 -13.28 19.25 -5.06
N PHE A 163 -14.26 18.48 -4.60
CA PHE A 163 -14.77 17.36 -5.37
C PHE A 163 -15.30 17.80 -6.72
N THR A 164 -14.85 17.12 -7.78
CA THR A 164 -15.33 17.39 -9.13
C THR A 164 -16.75 16.86 -9.31
N LEU A 165 -17.61 17.67 -9.93
CA LEU A 165 -19.01 17.29 -10.14
C LEU A 165 -19.20 16.59 -11.48
N GLY A 166 -20.34 15.91 -11.63
CA GLY A 166 -20.65 15.19 -12.85
C GLY A 166 -21.01 13.74 -12.58
N THR A 167 -22.00 13.24 -13.32
CA THR A 167 -22.47 11.88 -13.15
C THR A 167 -21.37 10.86 -13.44
N GLY A 168 -20.37 11.31 -14.18
CA GLY A 168 -19.24 10.49 -14.60
C GLY A 168 -18.04 10.46 -13.66
N VAL A 169 -18.10 11.20 -12.57
CA VAL A 169 -17.02 11.20 -11.59
C VAL A 169 -17.55 10.71 -10.26
N HIS A 170 -16.84 9.80 -9.63
CA HIS A 170 -17.29 9.31 -8.34
C HIS A 170 -16.38 9.69 -7.19
N PRO A 171 -16.92 10.47 -6.28
CA PRO A 171 -16.22 10.99 -5.11
C PRO A 171 -16.31 10.06 -3.91
N ILE A 172 -15.21 9.92 -3.17
CA ILE A 172 -15.19 9.08 -1.98
C ILE A 172 -14.41 9.76 -0.87
N VAL A 173 -15.03 9.87 0.30
CA VAL A 173 -14.37 10.45 1.46
C VAL A 173 -13.86 9.34 2.38
N VAL A 174 -12.57 9.36 2.64
CA VAL A 174 -11.94 8.33 3.48
C VAL A 174 -11.49 8.90 4.82
N VAL A 175 -11.88 8.23 5.90
CA VAL A 175 -11.55 8.69 7.23
C VAL A 175 -11.12 7.54 8.14
N GLN A 176 -10.42 7.88 9.22
CA GLN A 176 -10.01 6.91 10.22
C GLN A 176 -10.66 7.25 11.56
N PRO A 177 -11.77 6.58 11.88
CA PRO A 177 -12.58 6.85 13.08
C PRO A 177 -11.76 6.90 14.37
N ASP A 178 -10.85 5.95 14.52
CA ASP A 178 -10.03 5.85 15.73
C ASP A 178 -9.19 7.11 15.97
N ALA A 179 -8.94 7.87 14.91
CA ALA A 179 -8.13 9.07 15.01
C ALA A 179 -8.92 10.22 15.62
N TRP A 180 -10.24 10.20 15.44
CA TRP A 180 -11.11 11.22 16.01
C TRP A 180 -11.28 10.97 17.52
N THR A 181 -11.71 11.98 18.25
CA THR A 181 -11.74 11.86 19.70
C THR A 181 -13.09 12.21 20.34
N GLU A 182 -13.75 11.18 20.87
CA GLU A 182 -14.89 11.36 21.78
C GLU A 182 -16.12 12.04 21.18
N ASP A 183 -16.05 12.37 19.90
CA ASP A 183 -17.22 12.93 19.23
C ASP A 183 -17.38 12.23 17.91
N ASN A 184 -18.61 11.92 17.53
CA ASN A 184 -18.82 11.29 16.24
C ASN A 184 -18.84 12.37 15.18
N GLY A 185 -17.71 13.06 15.05
CA GLY A 185 -17.57 14.13 14.09
C GLY A 185 -17.68 13.56 12.69
N PHE A 186 -17.11 12.38 12.51
CA PHE A 186 -17.02 11.77 11.19
C PHE A 186 -18.40 11.49 10.61
N HIS A 187 -19.40 11.36 11.47
CA HIS A 187 -20.78 11.15 11.03
C HIS A 187 -21.39 12.43 10.46
N ALA A 188 -20.78 13.56 10.79
CA ALA A 188 -21.35 14.86 10.41
C ALA A 188 -20.85 15.36 9.06
N ILE A 189 -19.91 14.62 8.46
CA ILE A 189 -19.32 15.02 7.19
C ILE A 189 -20.34 15.10 6.07
N GLY A 190 -21.29 14.17 6.06
CA GLY A 190 -22.29 14.09 5.01
C GLY A 190 -23.07 15.38 4.81
N GLN A 191 -23.14 16.19 5.85
CA GLN A 191 -23.84 17.47 5.79
C GLN A 191 -23.03 18.52 5.04
N MET A 192 -21.77 18.20 4.81
CA MET A 192 -20.85 19.08 4.12
C MET A 192 -20.80 18.85 2.63
N CYS A 193 -20.87 17.58 2.23
CA CYS A 193 -20.97 17.21 0.82
C CYS A 193 -21.62 15.84 0.75
N GLU A 194 -22.17 15.50 -0.41
CA GLU A 194 -22.76 14.19 -0.56
C GLU A 194 -21.80 13.28 -1.29
N ALA A 195 -21.18 12.39 -0.53
CA ALA A 195 -20.35 11.32 -1.06
C ALA A 195 -20.26 10.26 0.01
N PRO A 196 -19.89 9.07 -0.38
CA PRO A 196 -19.77 7.97 0.58
C PRO A 196 -18.56 8.16 1.51
N VAL A 197 -18.78 7.98 2.82
CA VAL A 197 -17.70 8.09 3.78
C VAL A 197 -17.27 6.72 4.26
N VAL A 198 -16.04 6.33 3.92
CA VAL A 198 -15.54 5.00 4.24
C VAL A 198 -14.29 5.06 5.11
N THR A 199 -14.04 3.99 5.84
CA THR A 199 -12.87 3.89 6.70
C THR A 199 -11.62 3.65 5.86
N ARG A 200 -10.45 3.92 6.44
CA ARG A 200 -9.19 3.73 5.75
C ARG A 200 -8.96 2.27 5.37
N GLU A 201 -9.64 1.38 6.09
CA GLU A 201 -9.53 -0.05 5.83
C GLU A 201 -9.95 -0.41 4.40
N TRP A 202 -10.94 0.33 3.89
CA TRP A 202 -11.41 0.10 2.52
C TRP A 202 -10.28 0.25 1.52
N VAL A 203 -9.50 1.32 1.68
CA VAL A 203 -8.35 1.57 0.81
C VAL A 203 -7.31 0.47 1.00
N LEU A 204 -6.99 0.18 2.25
CA LEU A 204 -5.94 -0.78 2.57
C LEU A 204 -6.29 -2.19 2.10
N ASP A 205 -7.54 -2.59 2.29
CA ASP A 205 -7.99 -3.90 1.82
C ASP A 205 -7.97 -3.96 0.30
N SER A 206 -8.48 -2.92 -0.34
CA SER A 206 -8.52 -2.85 -1.80
C SER A 206 -7.14 -2.98 -2.40
N VAL A 207 -6.18 -2.23 -1.85
CA VAL A 207 -4.81 -2.24 -2.35
C VAL A 207 -4.13 -3.59 -2.14
N ALA A 208 -4.20 -4.09 -0.91
CA ALA A 208 -3.57 -5.35 -0.54
C ALA A 208 -3.97 -6.48 -1.49
N LEU A 209 -5.26 -6.56 -1.79
CA LEU A 209 -5.77 -7.54 -2.73
C LEU A 209 -5.65 -7.03 -4.16
N TYR A 210 -5.31 -5.75 -4.27
CA TYR A 210 -5.42 -4.99 -5.51
C TYR A 210 -6.70 -5.34 -6.26
N GLN A 211 -7.81 -5.27 -5.55
CA GLN A 211 -9.13 -5.34 -6.16
C GLN A 211 -10.07 -4.42 -5.38
N CYS A 212 -10.79 -3.57 -6.10
CA CYS A 212 -11.64 -2.58 -5.46
C CYS A 212 -12.77 -3.24 -4.68
N GLN A 213 -12.71 -3.11 -3.36
CA GLN A 213 -13.71 -3.70 -2.48
C GLN A 213 -15.02 -2.92 -2.53
N GLU A 214 -16.13 -3.61 -2.28
CA GLU A 214 -17.42 -2.94 -2.18
C GLU A 214 -17.46 -2.06 -0.94
N LEU A 215 -17.99 -0.86 -1.08
CA LEU A 215 -17.98 0.13 -0.01
C LEU A 215 -18.87 -0.26 1.16
N ASP A 216 -19.70 -1.28 0.98
CA ASP A 216 -20.75 -1.64 1.92
C ASP A 216 -20.26 -1.82 3.36
N THR A 217 -19.27 -2.67 3.57
CA THR A 217 -18.81 -3.00 4.92
C THR A 217 -18.00 -1.89 5.57
N TYR A 218 -17.62 -0.89 4.78
CA TYR A 218 -16.74 0.16 5.27
C TYR A 218 -17.47 1.49 5.52
N LEU A 219 -18.72 1.56 5.06
CA LEU A 219 -19.50 2.79 5.15
C LEU A 219 -19.68 3.29 6.58
N ILE A 220 -19.72 4.61 6.73
CA ILE A 220 -19.96 5.24 8.02
C ILE A 220 -21.24 6.07 7.99
N PRO A 221 -22.19 5.74 8.88
CA PRO A 221 -23.51 6.38 8.98
C PRO A 221 -23.43 7.90 9.04
N GLN A 222 -24.04 8.56 8.06
CA GLN A 222 -24.04 10.02 8.00
C GLN A 222 -25.37 10.61 8.45
N ILE A 223 -25.34 11.36 9.54
CA ILE A 223 -26.54 12.01 10.05
C ILE A 223 -27.09 13.00 9.02
N PRO A 224 -28.40 12.94 8.78
CA PRO A 224 -29.10 13.79 7.80
C PRO A 224 -28.84 15.28 8.02
N TYR B 1 15.68 1.38 16.16
CA TYR B 1 14.55 0.56 15.75
C TYR B 1 13.39 1.44 15.34
N SER B 2 12.45 1.68 16.24
CA SER B 2 11.32 2.52 15.87
C SER B 2 10.67 1.88 14.68
N ARG B 3 10.42 0.58 14.80
CA ARG B 3 10.03 -0.28 13.71
C ARG B 3 8.73 0.17 13.07
N PRO B 5 5.23 0.73 11.58
CA PRO B 5 3.89 0.30 12.01
C PRO B 5 3.23 -0.67 11.03
N THR B 6 2.32 -1.50 11.55
CA THR B 6 1.59 -2.46 10.73
C THR B 6 0.10 -2.16 10.78
N PHE B 7 -0.60 -2.51 9.70
CA PHE B 7 -2.01 -2.21 9.57
C PHE B 7 -2.82 -3.48 9.28
#